data_3EML
#
_entry.id   3EML
#
_cell.length_a   47.736
_cell.length_b   76.932
_cell.length_c   86.553
_cell.angle_alpha   90.00
_cell.angle_beta   101.32
_cell.angle_gamma   90.00
#
_symmetry.space_group_name_H-M   'P 1 21 1'
#
loop_
_entity.id
_entity.type
_entity.pdbx_description
1 polymer 'Human Adenosine A2A receptor/T4 lysozyme chimera'
2 non-polymer 4-{2-[(7-amino-2-furan-2-yl[1,2,4]triazolo[1,5-a][1,3,5]triazin-5-yl)amino]ethyl}phenol
3 non-polymer 'STEARIC ACID'
4 non-polymer 'SULFATE ION'
5 water water
#
_entity_poly.entity_id   1
_entity_poly.type   'polypeptide(L)'
_entity_poly.pdbx_seq_one_letter_code
;DYKDDDDAMGQPVGAPPIMGSSVYITVELAIAVLAILGNVLVCWAVWLNSNLQNVTNYFVVSLAAADIAVGVLAIPFAIT
ISTGFCAACHGCLFIACFVLVLTQSSIFSLLAIAIDRYIAIRIPLRYNGLVTGTRAKGIIAICWVLSFAIGLTPMLGWNN
CGQPKEGKNHSQGCGEGQVACLFEDVVPMNYMVYFNFFACVLVPLLLMLGVYLRIFLAARRQLNIFEMLRIDEGLRLKIY
KDTEGYYTIGIGHLLTKSPSLNAAKSELDKAIGRNTNGVITKDEAEKLFNQDVDAAVRGILRNAKLKPVYDSLDAVRRAA
LINMVFQMGETGVAGFTNSLRMLQQKRWDEAAVNLAKSRWYNQTPNRAKRVITTFRTGTWDAYRSTLQKEVHAAKSLAII
VGLFALCWLPLHIINCFTFFCPDCSHAPLWLMYLAIVLSHTNSVVNPFIYAYRIREFRQTFRKIIRSHVLRQQEPFKAHH
HHHHHHHH
;
_entity_poly.pdbx_strand_id   A
#
loop_
_chem_comp.id
_chem_comp.type
_chem_comp.name
_chem_comp.formula
SO4 non-polymer 'SULFATE ION' 'O4 S -2'
STE non-polymer 'STEARIC ACID' 'C18 H36 O2'
ZMA non-polymer 4-{2-[(7-amino-2-furan-2-yl[1,2,4]triazolo[1,5-a][1,3,5]triazin-5-yl)amino]ethyl}phenol 'C16 H15 N7 O2'
#
# COMPACT_ATOMS: atom_id res chain seq x y z
N ILE A 18 -41.55 20.38 -8.29
CA ILE A 18 -40.27 20.28 -7.60
C ILE A 18 -39.31 21.37 -8.05
N MET A 19 -38.52 21.87 -7.09
CA MET A 19 -37.57 22.94 -7.38
C MET A 19 -36.25 22.40 -7.92
N GLY A 20 -35.51 23.23 -8.64
CA GLY A 20 -34.23 22.86 -9.18
C GLY A 20 -33.14 22.86 -8.12
N SER A 21 -33.49 23.27 -6.91
CA SER A 21 -32.54 23.30 -5.81
C SER A 21 -32.97 22.35 -4.69
N SER A 22 -34.28 22.15 -4.55
CA SER A 22 -34.80 21.22 -3.56
C SER A 22 -34.29 19.81 -3.85
N VAL A 23 -33.88 19.58 -5.08
CA VAL A 23 -33.26 18.32 -5.46
C VAL A 23 -31.81 18.30 -4.99
N TYR A 24 -31.10 19.39 -5.28
CA TYR A 24 -29.71 19.55 -4.86
C TYR A 24 -29.57 19.32 -3.35
N ILE A 25 -30.49 19.91 -2.59
CA ILE A 25 -30.45 19.82 -1.14
C ILE A 25 -30.80 18.42 -0.63
N THR A 26 -31.79 17.78 -1.26
CA THR A 26 -32.18 16.43 -0.88
C THR A 26 -31.04 15.45 -1.16
N VAL A 27 -30.56 15.46 -2.39
CA VAL A 27 -29.48 14.57 -2.82
C VAL A 27 -28.29 14.63 -1.87
N GLU A 28 -27.89 15.85 -1.53
CA GLU A 28 -26.70 16.05 -0.71
C GLU A 28 -26.91 15.68 0.75
N LEU A 29 -28.15 15.79 1.22
CA LEU A 29 -28.50 15.33 2.56
C LEU A 29 -28.47 13.81 2.61
N ALA A 30 -28.90 13.17 1.53
CA ALA A 30 -28.85 11.71 1.43
C ALA A 30 -27.41 11.24 1.45
N ILE A 31 -26.57 11.93 0.68
CA ILE A 31 -25.15 11.63 0.63
C ILE A 31 -24.52 11.74 2.01
N ALA A 32 -24.94 12.76 2.77
CA ALA A 32 -24.42 12.99 4.11
C ALA A 32 -24.74 11.83 5.05
N VAL A 33 -25.97 11.35 4.99
CA VAL A 33 -26.40 10.26 5.85
C VAL A 33 -25.60 8.98 5.62
N LEU A 34 -25.39 8.65 4.35
CA LEU A 34 -24.60 7.47 3.99
C LEU A 34 -23.13 7.63 4.37
N ALA A 35 -22.59 8.82 4.12
CA ALA A 35 -21.21 9.11 4.49
C ALA A 35 -20.97 8.81 5.97
N ILE A 36 -21.87 9.31 6.80
CA ILE A 36 -21.78 9.10 8.24
C ILE A 36 -21.97 7.63 8.63
N LEU A 37 -23.11 7.06 8.25
CA LEU A 37 -23.43 5.68 8.60
C LEU A 37 -22.36 4.70 8.10
N GLY A 38 -21.97 4.85 6.84
CA GLY A 38 -21.00 3.96 6.24
C GLY A 38 -19.66 3.99 6.95
N ASN A 39 -19.15 5.19 7.20
CA ASN A 39 -17.82 5.35 7.78
C ASN A 39 -17.76 5.16 9.29
N VAL A 40 -18.90 5.31 9.96
CA VAL A 40 -18.99 4.95 11.37
C VAL A 40 -18.81 3.43 11.47
N LEU A 41 -19.35 2.72 10.49
CA LEU A 41 -19.28 1.27 10.46
C LEU A 41 -17.85 0.78 10.31
N VAL A 42 -17.06 1.50 9.52
CA VAL A 42 -15.66 1.14 9.30
C VAL A 42 -14.87 1.22 10.60
N CYS A 43 -15.06 2.31 11.34
CA CYS A 43 -14.38 2.50 12.62
C CYS A 43 -14.85 1.49 13.65
N TRP A 44 -16.15 1.20 13.63
CA TRP A 44 -16.76 0.25 14.56
C TRP A 44 -16.11 -1.12 14.44
N ALA A 45 -15.88 -1.55 13.20
CA ALA A 45 -15.29 -2.86 12.93
C ALA A 45 -13.86 -2.96 13.44
N VAL A 46 -13.06 -1.93 13.18
CA VAL A 46 -11.67 -1.93 13.61
C VAL A 46 -11.56 -1.98 15.13
N TRP A 47 -12.52 -1.38 15.82
CA TRP A 47 -12.54 -1.37 17.27
C TRP A 47 -12.90 -2.74 17.83
N LEU A 48 -13.85 -3.41 17.18
CA LEU A 48 -14.32 -4.72 17.62
C LEU A 48 -13.34 -5.85 17.27
N ASN A 49 -12.87 -5.87 16.03
CA ASN A 49 -12.06 -6.97 15.53
C ASN A 49 -10.57 -6.75 15.69
N SER A 50 -9.89 -7.69 16.34
CA SER A 50 -8.45 -7.61 16.55
C SER A 50 -7.69 -7.84 15.24
N ASN A 51 -8.28 -8.60 14.34
CA ASN A 51 -7.67 -8.87 13.05
C ASN A 51 -7.76 -7.69 12.08
N LEU A 52 -8.27 -6.57 12.58
CA LEU A 52 -8.31 -5.33 11.82
C LEU A 52 -7.56 -4.24 12.57
N GLN A 53 -6.79 -4.64 13.57
CA GLN A 53 -6.06 -3.69 14.42
C GLN A 53 -4.58 -3.63 14.07
N ASN A 54 -4.29 -3.76 12.78
CA ASN A 54 -2.94 -3.57 12.27
C ASN A 54 -2.68 -2.10 11.96
N VAL A 55 -1.44 -1.77 11.63
CA VAL A 55 -1.05 -0.38 11.39
C VAL A 55 -1.73 0.21 10.16
N THR A 56 -1.94 -0.63 9.14
CA THR A 56 -2.54 -0.17 7.90
C THR A 56 -3.94 0.43 8.12
N ASN A 57 -4.70 -0.17 9.02
CA ASN A 57 -6.06 0.30 9.30
C ASN A 57 -6.09 1.53 10.20
N TYR A 58 -4.93 1.94 10.70
CA TYR A 58 -4.81 3.20 11.42
C TYR A 58 -5.10 4.36 10.47
N PHE A 59 -4.66 4.20 9.23
CA PHE A 59 -4.86 5.22 8.21
C PHE A 59 -6.24 5.12 7.58
N VAL A 60 -6.79 3.91 7.56
CA VAL A 60 -8.15 3.70 7.07
C VAL A 60 -9.14 4.38 8.00
N VAL A 61 -8.89 4.29 9.30
CA VAL A 61 -9.74 4.93 10.30
C VAL A 61 -9.68 6.46 10.23
N SER A 62 -8.47 6.98 10.11
CA SER A 62 -8.28 8.43 9.96
C SER A 62 -9.02 8.91 8.72
N LEU A 63 -8.92 8.13 7.65
CA LEU A 63 -9.63 8.44 6.41
C LEU A 63 -11.15 8.41 6.63
N ALA A 64 -11.60 7.41 7.39
CA ALA A 64 -13.03 7.29 7.71
C ALA A 64 -13.51 8.46 8.55
N ALA A 65 -12.62 8.98 9.40
CA ALA A 65 -12.94 10.14 10.23
C ALA A 65 -13.20 11.36 9.35
N ALA A 66 -12.35 11.56 8.35
CA ALA A 66 -12.48 12.69 7.44
C ALA A 66 -13.79 12.63 6.67
N ASP A 67 -14.20 11.42 6.28
CA ASP A 67 -15.43 11.24 5.51
C ASP A 67 -16.68 11.46 6.37
N ILE A 68 -16.57 11.14 7.66
CA ILE A 68 -17.68 11.41 8.58
C ILE A 68 -17.85 12.90 8.74
N ALA A 69 -16.73 13.61 8.87
CA ALA A 69 -16.74 15.06 9.04
C ALA A 69 -17.32 15.75 7.81
N VAL A 70 -17.20 15.12 6.66
CA VAL A 70 -17.77 15.66 5.43
C VAL A 70 -19.29 15.68 5.51
N GLY A 71 -19.86 14.58 5.97
CA GLY A 71 -21.30 14.47 6.10
C GLY A 71 -21.86 15.37 7.18
N VAL A 72 -21.08 15.56 8.24
CA VAL A 72 -21.54 16.34 9.38
C VAL A 72 -21.39 17.85 9.20
N LEU A 73 -20.28 18.30 8.62
CA LEU A 73 -19.99 19.72 8.51
C LEU A 73 -19.84 20.23 7.07
N ALA A 74 -18.99 19.57 6.30
CA ALA A 74 -18.66 20.05 4.95
C ALA A 74 -19.90 20.21 4.07
N ILE A 75 -20.78 19.21 4.08
CA ILE A 75 -21.98 19.25 3.26
C ILE A 75 -22.99 20.33 3.70
N PRO A 76 -23.25 20.43 5.02
CA PRO A 76 -24.08 21.55 5.49
C PRO A 76 -23.46 22.90 5.13
N PHE A 77 -22.13 22.99 5.19
CA PHE A 77 -21.44 24.22 4.79
C PHE A 77 -21.68 24.52 3.32
N ALA A 78 -21.60 23.47 2.49
CA ALA A 78 -21.81 23.61 1.05
C ALA A 78 -23.18 24.22 0.75
N ILE A 79 -24.20 23.71 1.43
CA ILE A 79 -25.57 24.17 1.24
C ILE A 79 -25.74 25.62 1.69
N THR A 80 -25.14 25.94 2.83
CA THR A 80 -25.21 27.29 3.39
C THR A 80 -24.62 28.32 2.43
N ILE A 81 -23.48 27.97 1.85
CA ILE A 81 -22.73 28.91 1.01
C ILE A 81 -23.34 29.09 -0.38
N SER A 82 -24.22 28.17 -0.77
CA SER A 82 -24.86 28.25 -2.09
C SER A 82 -25.90 29.36 -2.15
N THR A 83 -26.08 30.06 -1.03
CA THR A 83 -27.04 31.16 -0.97
C THR A 83 -26.37 32.49 -1.29
N GLY A 84 -25.06 32.56 -1.08
CA GLY A 84 -24.31 33.77 -1.31
C GLY A 84 -24.62 34.86 -0.31
N PHE A 85 -24.96 34.46 0.91
CA PHE A 85 -25.35 35.39 1.96
C PHE A 85 -24.20 36.31 2.38
N CYS A 86 -24.55 37.43 3.00
CA CYS A 86 -23.55 38.38 3.49
C CYS A 86 -22.91 37.87 4.77
N ALA A 87 -21.59 37.87 4.81
CA ALA A 87 -20.86 37.43 6.00
C ALA A 87 -19.52 38.14 6.13
N ALA A 88 -18.96 38.12 7.34
CA ALA A 88 -17.62 38.63 7.57
C ALA A 88 -16.63 37.85 6.70
N CYS A 89 -15.53 38.50 6.36
CA CYS A 89 -14.55 37.90 5.45
C CYS A 89 -14.05 36.52 5.91
N HIS A 90 -13.33 36.50 7.02
CA HIS A 90 -12.69 35.28 7.49
C HIS A 90 -13.67 34.18 7.87
N GLY A 91 -14.82 34.57 8.42
CA GLY A 91 -15.86 33.61 8.75
C GLY A 91 -16.39 32.94 7.51
N CYS A 92 -16.48 33.70 6.43
CA CYS A 92 -16.94 33.18 5.14
C CYS A 92 -15.92 32.22 4.55
N LEU A 93 -14.64 32.49 4.79
CA LEU A 93 -13.56 31.67 4.26
C LEU A 93 -13.51 30.30 4.92
N PHE A 94 -13.80 30.27 6.22
CA PHE A 94 -13.81 29.00 6.96
C PHE A 94 -14.86 28.06 6.41
N ILE A 95 -16.08 28.55 6.24
CA ILE A 95 -17.17 27.75 5.69
C ILE A 95 -16.82 27.22 4.31
N ALA A 96 -16.12 28.04 3.53
CA ALA A 96 -15.77 27.69 2.15
C ALA A 96 -14.56 26.77 2.08
N CYS A 97 -13.63 26.92 3.02
CA CYS A 97 -12.35 26.24 2.95
C CYS A 97 -12.24 24.99 3.82
N PHE A 98 -13.15 24.84 4.78
CA PHE A 98 -13.05 23.72 5.72
C PHE A 98 -12.99 22.37 5.00
N VAL A 99 -13.74 22.24 3.91
CA VAL A 99 -13.76 21.00 3.14
C VAL A 99 -12.38 20.70 2.57
N LEU A 100 -11.61 21.75 2.30
CA LEU A 100 -10.25 21.59 1.78
C LEU A 100 -9.35 20.93 2.82
N VAL A 101 -9.63 21.21 4.09
CA VAL A 101 -8.91 20.56 5.19
C VAL A 101 -9.15 19.06 5.14
N LEU A 102 -10.42 18.67 5.07
CA LEU A 102 -10.81 17.26 5.02
C LEU A 102 -10.19 16.55 3.81
N THR A 103 -10.20 17.22 2.67
CA THR A 103 -9.67 16.63 1.44
C THR A 103 -8.17 16.36 1.55
N GLN A 104 -7.44 17.35 2.05
CA GLN A 104 -5.99 17.21 2.20
C GLN A 104 -5.64 16.05 3.14
N SER A 105 -6.37 15.96 4.25
CA SER A 105 -6.18 14.87 5.19
C SER A 105 -6.33 13.52 4.49
N SER A 106 -7.38 13.40 3.67
CA SER A 106 -7.62 12.18 2.92
C SER A 106 -6.42 11.84 2.04
N ILE A 107 -5.91 12.83 1.33
CA ILE A 107 -4.73 12.65 0.49
C ILE A 107 -3.57 12.05 1.29
N PHE A 108 -3.28 12.62 2.45
CA PHE A 108 -2.20 12.14 3.30
C PHE A 108 -2.44 10.71 3.76
N SER A 109 -3.68 10.37 4.05
CA SER A 109 -4.05 9.02 4.49
C SER A 109 -3.84 7.99 3.37
N LEU A 110 -4.29 8.34 2.17
CA LEU A 110 -4.15 7.46 1.02
C LEU A 110 -2.68 7.25 0.67
N LEU A 111 -1.89 8.32 0.80
CA LEU A 111 -0.46 8.27 0.50
C LEU A 111 0.26 7.35 1.48
N ALA A 112 -0.08 7.47 2.76
CA ALA A 112 0.54 6.66 3.81
C ALA A 112 0.21 5.18 3.65
N ILE A 113 -0.98 4.89 3.13
CA ILE A 113 -1.39 3.52 2.88
C ILE A 113 -0.57 2.91 1.75
N ALA A 114 -0.37 3.70 0.69
CA ALA A 114 0.45 3.27 -0.44
C ALA A 114 1.84 2.88 0.03
N ILE A 115 2.49 3.80 0.72
CA ILE A 115 3.84 3.59 1.23
C ILE A 115 3.89 2.38 2.17
N ASP A 116 2.93 2.29 3.07
CA ASP A 116 2.85 1.16 3.99
C ASP A 116 2.86 -0.16 3.24
N ARG A 117 2.02 -0.26 2.21
CA ARG A 117 1.94 -1.47 1.41
C ARG A 117 3.21 -1.69 0.60
N TYR A 118 3.92 -0.59 0.34
CA TYR A 118 5.15 -0.68 -0.45
C TYR A 118 6.25 -1.41 0.32
N ILE A 119 6.60 -0.88 1.49
CA ILE A 119 7.68 -1.46 2.28
C ILE A 119 7.26 -2.75 2.98
N ALA A 120 6.03 -3.19 2.71
CA ALA A 120 5.52 -4.43 3.30
C ALA A 120 5.57 -5.57 2.29
N ILE A 121 5.77 -5.22 1.03
CA ILE A 121 5.74 -6.21 -0.05
C ILE A 121 7.08 -6.32 -0.76
N ARG A 122 7.88 -5.26 -0.69
CA ARG A 122 9.21 -5.28 -1.32
C ARG A 122 10.31 -5.43 -0.27
N ILE A 123 10.02 -4.97 0.95
CA ILE A 123 10.97 -5.10 2.06
C ILE A 123 10.31 -5.67 3.30
N PRO A 124 9.82 -6.92 3.22
CA PRO A 124 9.09 -7.57 4.31
C PRO A 124 9.96 -7.83 5.54
N LEU A 125 11.26 -8.01 5.34
CA LEU A 125 12.16 -8.39 6.44
C LEU A 125 12.24 -7.36 7.58
N ARG A 126 11.98 -6.10 7.26
CA ARG A 126 12.09 -5.04 8.27
C ARG A 126 10.84 -4.17 8.34
N TYR A 127 9.69 -4.74 8.02
CA TYR A 127 8.43 -4.00 8.01
C TYR A 127 7.92 -3.69 9.42
N ASN A 128 7.95 -4.68 10.30
CA ASN A 128 7.46 -4.51 11.66
C ASN A 128 8.40 -3.69 12.55
N GLY A 129 9.68 -3.67 12.19
CA GLY A 129 10.65 -2.90 12.92
C GLY A 129 10.69 -1.45 12.44
N LEU A 130 10.03 -1.19 11.32
CA LEU A 130 10.00 0.14 10.74
C LEU A 130 8.62 0.78 10.92
N VAL A 131 7.59 0.03 10.57
CA VAL A 131 6.21 0.50 10.69
C VAL A 131 5.59 0.02 11.99
N THR A 132 5.41 0.93 12.94
CA THR A 132 4.82 0.60 14.23
C THR A 132 3.63 1.49 14.55
N GLY A 133 2.74 1.01 15.41
CA GLY A 133 1.55 1.75 15.80
C GLY A 133 1.87 3.12 16.34
N THR A 134 2.92 3.22 17.13
CA THR A 134 3.34 4.48 17.73
C THR A 134 3.68 5.52 16.66
N ARG A 135 4.44 5.09 15.66
CA ARG A 135 4.86 5.98 14.58
C ARG A 135 3.69 6.37 13.68
N ALA A 136 2.81 5.42 13.40
CA ALA A 136 1.63 5.68 12.58
C ALA A 136 0.82 6.82 13.19
N LYS A 137 0.51 6.70 14.48
CA LYS A 137 -0.24 7.72 15.18
C LYS A 137 0.47 9.08 15.13
N GLY A 138 1.80 9.04 15.19
CA GLY A 138 2.59 10.25 15.11
C GLY A 138 2.43 10.93 13.76
N ILE A 139 2.60 10.16 12.69
CA ILE A 139 2.48 10.68 11.34
C ILE A 139 1.08 11.23 11.07
N ILE A 140 0.07 10.55 11.59
CA ILE A 140 -1.32 10.97 11.42
C ILE A 140 -1.57 12.33 12.06
N ALA A 141 -1.14 12.48 13.31
CA ALA A 141 -1.31 13.74 14.02
C ALA A 141 -0.71 14.89 13.24
N ILE A 142 0.50 14.69 12.72
CA ILE A 142 1.20 15.71 11.96
C ILE A 142 0.46 16.07 10.68
N CYS A 143 -0.07 15.05 10.01
CA CYS A 143 -0.78 15.25 8.75
C CYS A 143 -2.07 16.05 8.93
N TRP A 144 -2.71 15.91 10.09
CA TRP A 144 -3.90 16.71 10.38
C TRP A 144 -3.54 18.18 10.60
N VAL A 145 -2.37 18.42 11.19
CA VAL A 145 -1.89 19.78 11.39
C VAL A 145 -1.61 20.45 10.04
N LEU A 146 -0.88 19.76 9.18
CA LEU A 146 -0.58 20.27 7.84
C LEU A 146 -1.86 20.50 7.05
N SER A 147 -2.83 19.61 7.23
CA SER A 147 -4.10 19.71 6.52
C SER A 147 -4.83 21.01 6.87
N PHE A 148 -4.81 21.37 8.15
CA PHE A 148 -5.41 22.64 8.57
C PHE A 148 -4.62 23.83 8.02
N ALA A 149 -3.29 23.71 8.06
CA ALA A 149 -2.41 24.76 7.55
C ALA A 149 -2.63 24.99 6.06
N ILE A 150 -2.81 23.91 5.31
CA ILE A 150 -3.00 23.98 3.88
C ILE A 150 -4.43 24.38 3.50
N GLY A 151 -5.40 23.71 4.10
CA GLY A 151 -6.80 23.96 3.80
C GLY A 151 -7.28 25.34 4.18
N LEU A 152 -6.72 25.90 5.26
CA LEU A 152 -7.14 27.20 5.75
C LEU A 152 -6.13 28.30 5.44
N THR A 153 -5.34 28.09 4.40
CA THR A 153 -4.37 29.08 3.97
C THR A 153 -4.99 30.43 3.58
N PRO A 154 -6.12 30.39 2.86
CA PRO A 154 -6.80 31.65 2.51
C PRO A 154 -7.17 32.45 3.75
N MET A 155 -7.46 31.76 4.85
CA MET A 155 -7.78 32.42 6.11
C MET A 155 -6.56 33.11 6.72
N LEU A 156 -5.38 32.69 6.29
CA LEU A 156 -4.14 33.22 6.85
C LEU A 156 -3.70 34.50 6.15
N GLY A 157 -4.37 34.85 5.06
CA GLY A 157 -4.07 36.09 4.36
C GLY A 157 -4.24 36.04 2.85
N TRP A 158 -4.23 34.83 2.29
CA TRP A 158 -4.34 34.66 0.84
C TRP A 158 -5.80 34.70 0.38
N ASN A 159 -6.44 35.86 0.52
CA ASN A 159 -7.86 36.00 0.18
C ASN A 159 -8.21 37.29 -0.56
N ASN A 160 -9.49 37.47 -0.86
CA ASN A 160 -9.95 38.58 -1.69
C ASN A 160 -10.98 39.51 -1.03
N CYS A 161 -10.97 39.61 0.29
CA CYS A 161 -11.94 40.46 0.97
C CYS A 161 -11.31 41.47 1.92
N GLY A 162 -10.09 41.19 2.37
CA GLY A 162 -9.43 42.02 3.36
C GLY A 162 -9.08 43.44 2.93
N GLN A 163 -9.51 43.82 1.73
CA GLN A 163 -9.21 45.16 1.21
C GLN A 163 -10.45 45.84 0.65
N SER A 171 -17.44 45.44 -2.96
CA SER A 171 -18.33 44.50 -2.28
C SER A 171 -19.52 45.25 -1.70
N GLN A 172 -20.58 45.42 -2.49
CA GLN A 172 -21.71 46.21 -2.02
C GLN A 172 -22.98 45.38 -1.92
N GLY A 173 -23.98 45.95 -1.25
CA GLY A 173 -25.22 45.24 -0.98
C GLY A 173 -25.17 44.46 0.31
N CYS A 174 -24.02 44.51 0.99
CA CYS A 174 -23.79 43.76 2.21
C CYS A 174 -23.37 44.64 3.39
N GLY A 175 -23.08 45.90 3.12
CA GLY A 175 -22.58 46.79 4.15
C GLY A 175 -21.14 46.49 4.46
N GLU A 176 -20.39 47.51 4.92
CA GLU A 176 -18.97 47.34 5.17
C GLU A 176 -18.71 46.31 6.26
N GLY A 177 -17.58 45.61 6.16
CA GLY A 177 -17.24 44.58 7.12
C GLY A 177 -17.84 43.23 6.73
N GLN A 178 -18.60 43.22 5.65
CA GLN A 178 -19.22 42.00 5.16
C GLN A 178 -19.10 41.90 3.64
N VAL A 179 -19.14 40.67 3.15
CA VAL A 179 -19.10 40.42 1.70
C VAL A 179 -20.04 39.27 1.38
N ALA A 180 -20.59 39.28 0.17
CA ALA A 180 -21.37 38.16 -0.30
C ALA A 180 -20.48 36.92 -0.35
N CYS A 181 -20.89 35.87 0.34
CA CYS A 181 -20.09 34.65 0.43
C CYS A 181 -20.24 33.77 -0.81
N LEU A 182 -19.60 34.17 -1.89
CA LEU A 182 -19.52 33.36 -3.11
C LEU A 182 -18.12 32.78 -3.24
N PHE A 183 -18.02 31.46 -3.38
CA PHE A 183 -16.74 30.76 -3.40
C PHE A 183 -15.70 31.44 -4.29
N GLU A 184 -16.03 31.64 -5.55
CA GLU A 184 -15.08 32.20 -6.51
C GLU A 184 -14.81 33.69 -6.27
N ASP A 185 -15.56 34.29 -5.36
CA ASP A 185 -15.40 35.71 -5.04
C ASP A 185 -14.47 35.96 -3.86
N VAL A 186 -14.32 34.96 -3.01
CA VAL A 186 -13.51 35.11 -1.80
C VAL A 186 -12.27 34.22 -1.80
N VAL A 187 -12.36 33.08 -2.48
CA VAL A 187 -11.25 32.15 -2.57
C VAL A 187 -10.48 32.32 -3.87
N PRO A 188 -9.26 32.87 -3.79
CA PRO A 188 -8.39 33.11 -4.95
C PRO A 188 -8.18 31.87 -5.81
N MET A 189 -8.36 32.00 -7.12
CA MET A 189 -8.23 30.87 -8.04
C MET A 189 -6.79 30.41 -8.18
N ASN A 190 -5.84 31.33 -8.09
CA ASN A 190 -4.43 30.97 -8.15
C ASN A 190 -4.04 30.05 -6.99
N TYR A 191 -4.75 30.19 -5.88
CA TYR A 191 -4.58 29.27 -4.76
C TYR A 191 -5.18 27.91 -5.11
N MET A 192 -6.37 27.92 -5.67
CA MET A 192 -7.09 26.69 -6.00
C MET A 192 -6.38 25.85 -7.05
N VAL A 193 -5.74 26.52 -8.00
CA VAL A 193 -5.10 25.82 -9.10
C VAL A 193 -3.65 25.45 -8.81
N TYR A 194 -2.84 26.45 -8.45
CA TYR A 194 -1.42 26.23 -8.21
C TYR A 194 -1.12 25.47 -6.92
N PHE A 195 -1.59 26.03 -5.80
CA PHE A 195 -1.27 25.46 -4.50
C PHE A 195 -2.11 24.22 -4.18
N ASN A 196 -3.42 24.36 -4.20
CA ASN A 196 -4.30 23.25 -3.89
C ASN A 196 -4.20 22.11 -4.89
N PHE A 197 -4.56 22.38 -6.14
CA PHE A 197 -4.60 21.32 -7.15
C PHE A 197 -3.21 20.76 -7.50
N PHE A 198 -2.39 21.57 -8.16
CA PHE A 198 -1.11 21.09 -8.67
C PHE A 198 -0.18 20.54 -7.58
N ALA A 199 0.05 21.33 -6.54
CA ALA A 199 1.05 20.97 -5.53
C ALA A 199 0.54 19.98 -4.49
N CYS A 200 -0.71 20.13 -4.07
CA CYS A 200 -1.23 19.37 -2.94
C CYS A 200 -2.09 18.15 -3.32
N VAL A 201 -2.60 18.13 -4.54
CA VAL A 201 -3.44 17.02 -4.98
C VAL A 201 -2.82 16.23 -6.14
N LEU A 202 -2.45 16.94 -7.20
CA LEU A 202 -1.92 16.30 -8.39
C LEU A 202 -0.63 15.53 -8.11
N VAL A 203 0.30 16.16 -7.40
CA VAL A 203 1.59 15.54 -7.10
C VAL A 203 1.47 14.26 -6.28
N PRO A 204 0.68 14.29 -5.19
CA PRO A 204 0.46 13.07 -4.39
C PRO A 204 -0.19 11.95 -5.19
N LEU A 205 -1.19 12.28 -6.01
CA LEU A 205 -1.88 11.28 -6.81
C LEU A 205 -0.93 10.55 -7.77
N LEU A 206 -0.10 11.30 -8.48
CA LEU A 206 0.88 10.71 -9.38
C LEU A 206 1.92 9.91 -8.61
N LEU A 207 2.25 10.39 -7.42
CA LEU A 207 3.20 9.69 -6.56
C LEU A 207 2.60 8.37 -6.10
N MET A 208 1.31 8.39 -5.79
CA MET A 208 0.60 7.17 -5.40
C MET A 208 0.42 6.23 -6.58
N LEU A 209 0.40 6.79 -7.78
CA LEU A 209 0.28 5.97 -8.99
C LEU A 209 1.58 5.21 -9.24
N GLY A 210 2.70 5.90 -9.05
CA GLY A 210 4.00 5.29 -9.24
C GLY A 210 4.27 4.18 -8.23
N VAL A 211 3.88 4.41 -6.98
CA VAL A 211 4.10 3.44 -5.91
C VAL A 211 3.31 2.15 -6.14
N TYR A 212 2.03 2.28 -6.45
CA TYR A 212 1.19 1.11 -6.70
C TYR A 212 1.65 0.35 -7.93
N LEU A 213 1.99 1.08 -8.98
CA LEU A 213 2.50 0.45 -10.20
C LEU A 213 3.73 -0.40 -9.90
N ARG A 214 4.62 0.12 -9.06
CA ARG A 214 5.83 -0.61 -8.69
C ARG A 214 5.51 -1.84 -7.84
N ILE A 215 4.48 -1.73 -7.01
CA ILE A 215 4.03 -2.87 -6.21
C ILE A 215 3.52 -3.99 -7.12
N PHE A 216 2.72 -3.61 -8.11
CA PHE A 216 2.13 -4.58 -9.03
C PHE A 216 3.18 -5.25 -9.91
N LEU A 217 4.06 -4.44 -10.49
CA LEU A 217 5.12 -4.96 -11.37
C LEU A 217 6.00 -5.96 -10.63
N ALA A 218 6.12 -5.80 -9.32
CA ALA A 218 6.95 -6.69 -8.51
C ALA A 218 6.31 -8.05 -8.32
N ALA A 219 4.98 -8.10 -8.38
CA ALA A 219 4.26 -9.36 -8.24
C ALA A 219 4.20 -10.09 -9.58
N ARG A 220 4.65 -9.41 -10.63
CA ARG A 220 4.64 -9.99 -11.96
C ARG A 220 6.08 -10.22 -12.45
N ARG A 221 7.03 -10.16 -11.53
CA ARG A 221 8.43 -10.37 -11.87
C ARG A 221 8.67 -11.80 -12.33
N GLN A 222 9.64 -11.96 -13.22
CA GLN A 222 10.01 -13.27 -13.75
C GLN A 222 10.68 -14.12 -12.68
N LEU A 223 10.23 -15.36 -12.52
CA LEU A 223 10.73 -16.22 -11.46
C LEU A 223 11.92 -17.07 -11.89
N ASN A 224 12.80 -17.34 -10.92
CA ASN A 224 14.00 -18.14 -11.15
C ASN A 224 14.60 -18.58 -9.82
N ILE A 225 15.71 -19.31 -9.87
CA ILE A 225 16.31 -19.84 -8.65
C ILE A 225 16.66 -18.74 -7.64
N PHE A 226 17.01 -17.55 -8.15
CA PHE A 226 17.31 -16.42 -7.27
C PHE A 226 16.07 -15.89 -6.56
N GLU A 227 15.00 -15.71 -7.32
CA GLU A 227 13.75 -15.24 -6.75
C GLU A 227 13.13 -16.32 -5.87
N MET A 228 13.54 -17.56 -6.12
CA MET A 228 13.05 -18.70 -5.35
C MET A 228 13.55 -18.66 -3.91
N LEU A 229 14.87 -18.53 -3.75
CA LEU A 229 15.45 -18.48 -2.41
C LEU A 229 15.32 -17.09 -1.76
N ARG A 230 15.06 -16.08 -2.58
CA ARG A 230 14.78 -14.76 -2.05
C ARG A 230 13.51 -14.82 -1.21
N ILE A 231 12.64 -15.76 -1.55
CA ILE A 231 11.38 -15.95 -0.83
C ILE A 231 11.54 -16.90 0.34
N ASP A 232 12.41 -17.90 0.18
CA ASP A 232 12.62 -18.90 1.22
C ASP A 232 13.63 -18.46 2.27
N GLU A 233 14.63 -17.68 1.85
CA GLU A 233 15.69 -17.26 2.76
C GLU A 233 15.77 -15.75 2.97
N GLY A 234 15.16 -14.99 2.05
CA GLY A 234 15.10 -13.55 2.19
C GLY A 234 16.26 -12.81 1.53
N LEU A 235 16.09 -11.51 1.33
CA LEU A 235 17.10 -10.67 0.71
C LEU A 235 17.54 -9.53 1.62
N ARG A 236 18.84 -9.40 1.82
CA ARG A 236 19.40 -8.35 2.66
C ARG A 236 20.46 -7.57 1.89
N LEU A 237 20.36 -6.25 1.90
CA LEU A 237 21.33 -5.41 1.21
C LEU A 237 22.28 -4.73 2.18
N LYS A 238 22.04 -4.94 3.48
CA LYS A 238 22.93 -4.46 4.52
C LYS A 238 23.43 -5.64 5.35
N ILE A 239 24.71 -5.63 5.67
CA ILE A 239 25.30 -6.69 6.49
C ILE A 239 24.50 -6.90 7.77
N TYR A 240 24.20 -8.15 8.08
CA TYR A 240 23.44 -8.50 9.28
C TYR A 240 24.05 -9.74 9.94
N LYS A 241 23.57 -10.04 11.15
CA LYS A 241 24.02 -11.24 11.85
C LYS A 241 23.01 -12.38 11.68
N ASP A 242 23.50 -13.57 11.36
CA ASP A 242 22.62 -14.71 11.18
C ASP A 242 22.16 -15.27 12.53
N THR A 243 21.50 -16.41 12.50
CA THR A 243 20.96 -17.02 13.72
C THR A 243 22.04 -17.34 14.74
N GLU A 244 23.26 -17.58 14.27
CA GLU A 244 24.38 -17.91 15.16
C GLU A 244 25.38 -16.76 15.29
N GLY A 245 24.94 -15.55 14.94
CA GLY A 245 25.73 -14.36 15.15
C GLY A 245 26.92 -14.21 14.22
N TYR A 246 26.78 -14.67 12.98
CA TYR A 246 27.82 -14.50 11.98
C TYR A 246 27.40 -13.47 10.94
N TYR A 247 28.32 -12.58 10.58
CA TYR A 247 28.02 -11.54 9.61
C TYR A 247 27.69 -12.13 8.24
N THR A 248 26.55 -11.72 7.70
CA THR A 248 26.01 -12.27 6.47
C THR A 248 25.40 -11.15 5.63
N ILE A 249 25.26 -11.40 4.33
CA ILE A 249 24.60 -10.44 3.45
C ILE A 249 24.00 -11.13 2.21
N GLY A 250 23.17 -10.39 1.48
CA GLY A 250 22.49 -10.95 0.32
C GLY A 250 21.51 -12.03 0.72
N ILE A 251 21.55 -13.15 0.01
CA ILE A 251 20.73 -14.30 0.37
C ILE A 251 21.55 -15.34 1.11
N GLY A 252 21.61 -15.21 2.43
CA GLY A 252 22.30 -16.17 3.27
C GLY A 252 23.78 -16.36 2.96
N HIS A 253 24.41 -15.32 2.42
CA HIS A 253 25.83 -15.40 2.10
C HIS A 253 26.71 -14.96 3.26
N LEU A 254 27.25 -15.92 4.00
CA LEU A 254 28.10 -15.64 5.14
C LEU A 254 29.44 -15.04 4.71
N LEU A 255 29.84 -13.97 5.39
CA LEU A 255 31.08 -13.27 5.06
C LEU A 255 32.26 -13.77 5.88
N THR A 256 32.07 -13.83 7.20
CA THR A 256 33.13 -14.26 8.11
C THR A 256 32.57 -14.63 9.48
N LYS A 257 33.29 -15.49 10.19
CA LYS A 257 32.90 -15.89 11.54
C LYS A 257 33.60 -15.02 12.57
N SER A 258 34.39 -14.07 12.10
CA SER A 258 35.09 -13.15 12.97
C SER A 258 34.11 -12.17 13.62
N PRO A 259 34.35 -11.84 14.90
CA PRO A 259 33.48 -10.96 15.69
C PRO A 259 33.67 -9.49 15.34
N SER A 260 34.00 -9.21 14.08
CA SER A 260 34.28 -7.84 13.67
C SER A 260 33.48 -7.43 12.44
N LEU A 261 32.55 -6.49 12.63
CA LEU A 261 31.81 -5.91 11.52
C LEU A 261 32.79 -5.31 10.51
N ASN A 262 33.84 -4.67 11.03
CA ASN A 262 34.89 -4.10 10.21
C ASN A 262 35.49 -5.15 9.27
N ALA A 263 35.84 -6.30 9.83
CA ALA A 263 36.40 -7.40 9.05
C ALA A 263 35.39 -7.92 8.02
N ALA A 264 34.13 -8.02 8.42
CA ALA A 264 33.07 -8.46 7.54
C ALA A 264 32.96 -7.55 6.32
N LYS A 265 33.02 -6.25 6.55
CA LYS A 265 32.90 -5.28 5.47
C LYS A 265 34.07 -5.38 4.49
N SER A 266 35.24 -5.72 5.01
CA SER A 266 36.44 -5.87 4.19
C SER A 266 36.31 -7.09 3.28
N GLU A 267 35.73 -8.16 3.83
CA GLU A 267 35.46 -9.36 3.05
C GLU A 267 34.48 -9.05 1.93
N LEU A 268 33.50 -8.21 2.25
CA LEU A 268 32.47 -7.83 1.27
C LEU A 268 33.07 -7.05 0.11
N ASP A 269 33.91 -6.07 0.42
CA ASP A 269 34.55 -5.26 -0.60
C ASP A 269 35.45 -6.09 -1.52
N LYS A 270 35.99 -7.18 -0.99
CA LYS A 270 36.83 -8.08 -1.77
C LYS A 270 36.00 -8.86 -2.79
N ALA A 271 34.82 -9.29 -2.37
CA ALA A 271 33.94 -10.07 -3.23
C ALA A 271 33.24 -9.19 -4.27
N ILE A 272 32.81 -8.01 -3.86
CA ILE A 272 32.09 -7.10 -4.74
C ILE A 272 33.04 -6.36 -5.69
N GLY A 273 34.20 -5.99 -5.16
CA GLY A 273 35.19 -5.28 -5.97
C GLY A 273 35.03 -3.77 -5.88
N ARG A 274 34.57 -3.29 -4.73
CA ARG A 274 34.41 -1.85 -4.49
C ARG A 274 34.15 -1.57 -3.01
N ASN A 275 34.28 -0.30 -2.64
CA ASN A 275 33.97 0.12 -1.28
C ASN A 275 32.45 0.20 -1.07
N THR A 276 31.91 -0.78 -0.36
CA THR A 276 30.47 -0.89 -0.18
C THR A 276 29.97 -0.17 1.07
N ASN A 277 30.84 -0.05 2.06
CA ASN A 277 30.47 0.55 3.35
C ASN A 277 29.41 -0.27 4.07
N GLY A 278 29.27 -1.53 3.67
CA GLY A 278 28.34 -2.45 4.30
C GLY A 278 27.00 -2.53 3.59
N VAL A 279 26.92 -1.94 2.41
CA VAL A 279 25.68 -1.92 1.65
C VAL A 279 25.90 -2.20 0.16
N ILE A 280 25.14 -3.14 -0.39
CA ILE A 280 25.24 -3.49 -1.79
C ILE A 280 23.90 -3.31 -2.50
N THR A 281 23.91 -3.38 -3.83
CA THR A 281 22.69 -3.27 -4.61
C THR A 281 22.06 -4.64 -4.83
N LYS A 282 20.81 -4.65 -5.29
CA LYS A 282 20.13 -5.91 -5.59
C LYS A 282 20.93 -6.72 -6.58
N ASP A 283 21.35 -6.07 -7.65
CA ASP A 283 22.15 -6.72 -8.69
C ASP A 283 23.35 -7.43 -8.09
N GLU A 284 24.12 -6.71 -7.28
CA GLU A 284 25.33 -7.26 -6.68
C GLU A 284 25.04 -8.45 -5.78
N ALA A 285 23.90 -8.42 -5.11
CA ALA A 285 23.48 -9.54 -4.27
C ALA A 285 23.20 -10.77 -5.12
N GLU A 286 22.75 -10.54 -6.35
CA GLU A 286 22.44 -11.62 -7.27
C GLU A 286 23.71 -12.30 -7.78
N LYS A 287 24.73 -11.50 -8.08
CA LYS A 287 26.01 -12.04 -8.53
C LYS A 287 26.64 -12.92 -7.46
N LEU A 288 26.53 -12.53 -6.20
CA LEU A 288 27.01 -13.35 -5.10
C LEU A 288 26.23 -14.66 -5.02
N PHE A 289 24.92 -14.57 -5.19
CA PHE A 289 24.06 -15.75 -5.15
C PHE A 289 24.38 -16.71 -6.28
N ASN A 290 24.59 -16.18 -7.48
CA ASN A 290 24.96 -17.00 -8.62
C ASN A 290 26.22 -17.83 -8.34
N GLN A 291 27.23 -17.18 -7.79
CA GLN A 291 28.46 -17.86 -7.40
C GLN A 291 28.17 -18.98 -6.41
N ASP A 292 27.30 -18.70 -5.44
CA ASP A 292 26.94 -19.70 -4.43
C ASP A 292 26.26 -20.91 -5.05
N VAL A 293 25.45 -20.67 -6.08
CA VAL A 293 24.77 -21.76 -6.77
C VAL A 293 25.77 -22.64 -7.51
N ASP A 294 26.66 -22.02 -8.26
CA ASP A 294 27.68 -22.75 -9.02
C ASP A 294 28.45 -23.71 -8.13
N ALA A 295 28.83 -23.23 -6.95
CA ALA A 295 29.59 -24.04 -6.00
C ALA A 295 28.77 -25.24 -5.54
N ALA A 296 27.50 -24.99 -5.20
CA ALA A 296 26.61 -26.05 -4.74
C ALA A 296 26.43 -27.12 -5.81
N VAL A 297 26.29 -26.69 -7.05
CA VAL A 297 26.14 -27.61 -8.17
C VAL A 297 27.38 -28.48 -8.33
N ARG A 298 28.55 -27.86 -8.17
CA ARG A 298 29.81 -28.60 -8.24
C ARG A 298 29.91 -29.63 -7.12
N GLY A 299 29.45 -29.25 -5.93
CA GLY A 299 29.44 -30.16 -4.81
C GLY A 299 28.51 -31.34 -5.06
N ILE A 300 27.36 -31.04 -5.65
CA ILE A 300 26.37 -32.06 -5.96
C ILE A 300 26.90 -33.08 -6.97
N LEU A 301 27.68 -32.60 -7.93
CA LEU A 301 28.21 -33.46 -8.99
C LEU A 301 29.36 -34.34 -8.52
N ARG A 302 30.00 -33.96 -7.41
CA ARG A 302 31.07 -34.77 -6.84
C ARG A 302 30.50 -35.91 -5.98
N ASN A 303 29.24 -35.77 -5.58
CA ASN A 303 28.59 -36.78 -4.75
C ASN A 303 27.99 -37.90 -5.59
N ALA A 304 28.37 -39.13 -5.29
CA ALA A 304 27.98 -40.28 -6.08
C ALA A 304 26.48 -40.61 -6.00
N LYS A 305 25.84 -40.18 -4.92
CA LYS A 305 24.41 -40.41 -4.76
C LYS A 305 23.57 -39.34 -5.44
N LEU A 306 24.00 -38.09 -5.31
CA LEU A 306 23.23 -36.96 -5.81
C LEU A 306 23.36 -36.76 -7.32
N LYS A 307 24.52 -37.06 -7.88
CA LYS A 307 24.77 -36.82 -9.29
C LYS A 307 23.74 -37.47 -10.24
N PRO A 308 23.49 -38.78 -10.07
CA PRO A 308 22.55 -39.46 -10.97
C PRO A 308 21.18 -38.81 -10.97
N VAL A 309 20.73 -38.39 -9.79
CA VAL A 309 19.41 -37.79 -9.64
C VAL A 309 19.38 -36.38 -10.23
N TYR A 310 20.38 -35.58 -9.90
CA TYR A 310 20.46 -34.21 -10.39
C TYR A 310 20.47 -34.17 -11.92
N ASP A 311 21.25 -35.06 -12.53
CA ASP A 311 21.38 -35.09 -13.98
C ASP A 311 20.09 -35.46 -14.68
N SER A 312 19.21 -36.20 -14.00
CA SER A 312 17.97 -36.67 -14.60
C SER A 312 16.84 -35.66 -14.49
N LEU A 313 17.04 -34.62 -13.68
CA LEU A 313 16.00 -33.64 -13.43
C LEU A 313 15.99 -32.51 -14.46
N ASP A 314 14.85 -31.85 -14.60
CA ASP A 314 14.75 -30.66 -15.44
C ASP A 314 15.24 -29.44 -14.68
N ALA A 315 15.32 -28.30 -15.36
CA ALA A 315 15.90 -27.09 -14.78
C ALA A 315 15.20 -26.64 -13.50
N VAL A 316 13.87 -26.67 -13.50
CA VAL A 316 13.10 -26.19 -12.35
C VAL A 316 13.22 -27.14 -11.16
N ARG A 317 13.18 -28.44 -11.42
CA ARG A 317 13.30 -29.44 -10.35
C ARG A 317 14.71 -29.46 -9.78
N ARG A 318 15.68 -29.08 -10.59
CA ARG A 318 17.06 -28.96 -10.11
C ARG A 318 17.18 -27.85 -9.07
N ALA A 319 16.46 -26.76 -9.31
CA ALA A 319 16.44 -25.63 -8.39
C ALA A 319 15.90 -26.04 -7.02
N ALA A 320 14.91 -26.94 -7.03
CA ALA A 320 14.32 -27.44 -5.79
C ALA A 320 15.31 -28.33 -5.04
N LEU A 321 16.17 -29.03 -5.78
CA LEU A 321 17.18 -29.87 -5.16
C LEU A 321 18.32 -29.02 -4.61
N ILE A 322 18.68 -27.97 -5.36
CA ILE A 322 19.69 -27.03 -4.90
C ILE A 322 19.18 -26.27 -3.68
N ASN A 323 17.88 -25.99 -3.66
CA ASN A 323 17.23 -25.35 -2.52
C ASN A 323 17.44 -26.17 -1.24
N MET A 324 17.26 -27.47 -1.35
CA MET A 324 17.43 -28.36 -0.20
C MET A 324 18.88 -28.41 0.28
N VAL A 325 19.83 -28.41 -0.66
CA VAL A 325 21.24 -28.42 -0.31
C VAL A 325 21.64 -27.14 0.41
N PHE A 326 21.05 -26.01 -0.01
CA PHE A 326 21.32 -24.73 0.63
C PHE A 326 20.85 -24.70 2.08
N GLN A 327 19.91 -25.58 2.41
CA GLN A 327 19.31 -25.59 3.74
C GLN A 327 19.89 -26.68 4.64
N MET A 328 20.07 -27.88 4.09
CA MET A 328 20.46 -29.03 4.91
C MET A 328 21.89 -29.49 4.65
N GLY A 329 22.47 -29.07 3.53
CA GLY A 329 23.79 -29.51 3.15
C GLY A 329 23.73 -30.74 2.28
N GLU A 330 24.82 -31.01 1.56
CA GLU A 330 24.85 -32.09 0.57
C GLU A 330 24.77 -33.46 1.20
N THR A 331 25.39 -33.61 2.37
CA THR A 331 25.33 -34.87 3.11
C THR A 331 23.92 -35.09 3.65
N GLY A 332 23.25 -34.00 3.99
CA GLY A 332 21.88 -34.07 4.49
C GLY A 332 20.91 -34.57 3.46
N VAL A 333 20.98 -34.01 2.25
CA VAL A 333 20.08 -34.40 1.17
C VAL A 333 20.35 -35.84 0.74
N ALA A 334 21.62 -36.23 0.75
CA ALA A 334 22.03 -37.56 0.33
C ALA A 334 21.44 -38.64 1.23
N GLY A 335 20.85 -38.23 2.36
CA GLY A 335 20.25 -39.16 3.29
C GLY A 335 18.87 -39.61 2.84
N PHE A 336 18.26 -38.86 1.94
CA PHE A 336 16.95 -39.22 1.39
C PHE A 336 17.08 -40.29 0.31
N THR A 337 17.56 -41.46 0.69
CA THR A 337 17.82 -42.53 -0.27
C THR A 337 16.60 -42.91 -1.11
N ASN A 338 15.46 -43.08 -0.45
CA ASN A 338 14.25 -43.53 -1.13
C ASN A 338 13.56 -42.44 -1.95
N SER A 339 13.43 -41.25 -1.37
CA SER A 339 12.82 -40.13 -2.08
C SER A 339 13.60 -39.76 -3.33
N LEU A 340 14.93 -39.75 -3.21
CA LEU A 340 15.80 -39.46 -4.35
C LEU A 340 15.52 -40.44 -5.49
N ARG A 341 15.49 -41.72 -5.15
CA ARG A 341 15.25 -42.79 -6.12
C ARG A 341 13.97 -42.56 -6.92
N MET A 342 12.89 -42.24 -6.23
CA MET A 342 11.62 -41.96 -6.88
C MET A 342 11.74 -40.77 -7.83
N LEU A 343 12.51 -39.76 -7.39
CA LEU A 343 12.72 -38.58 -8.21
C LEU A 343 13.39 -38.91 -9.53
N GLN A 344 14.35 -39.82 -9.50
CA GLN A 344 15.04 -40.23 -10.71
C GLN A 344 14.16 -41.14 -11.57
N GLN A 345 13.22 -41.83 -10.92
CA GLN A 345 12.25 -42.65 -11.63
C GLN A 345 11.08 -41.79 -12.10
N LYS A 346 11.20 -40.48 -11.90
CA LYS A 346 10.17 -39.53 -12.29
C LYS A 346 8.81 -39.86 -11.68
N ARG A 347 8.84 -40.52 -10.53
CA ARG A 347 7.62 -40.80 -9.77
C ARG A 347 7.34 -39.62 -8.85
N TRP A 348 7.01 -38.49 -9.47
CA TRP A 348 6.86 -37.22 -8.75
C TRP A 348 5.92 -37.30 -7.55
N ASP A 349 4.74 -37.88 -7.76
CA ASP A 349 3.73 -37.96 -6.71
C ASP A 349 4.18 -38.83 -5.53
N GLU A 350 4.82 -39.96 -5.83
CA GLU A 350 5.34 -40.83 -4.79
C GLU A 350 6.41 -40.13 -3.98
N ALA A 351 7.35 -39.50 -4.68
CA ALA A 351 8.42 -38.74 -4.03
C ALA A 351 7.85 -37.71 -3.08
N ALA A 352 6.80 -37.01 -3.53
CA ALA A 352 6.16 -35.98 -2.74
C ALA A 352 5.65 -36.53 -1.41
N VAL A 353 4.89 -37.62 -1.48
CA VAL A 353 4.34 -38.26 -0.29
C VAL A 353 5.46 -38.63 0.69
N ASN A 354 6.53 -39.18 0.16
CA ASN A 354 7.66 -39.63 0.97
C ASN A 354 8.38 -38.46 1.64
N LEU A 355 8.66 -37.43 0.86
CA LEU A 355 9.32 -36.23 1.37
C LEU A 355 8.49 -35.58 2.48
N ALA A 356 7.19 -35.77 2.42
CA ALA A 356 6.27 -35.18 3.39
C ALA A 356 6.37 -35.86 4.75
N LYS A 357 6.92 -37.06 4.77
CA LYS A 357 7.06 -37.83 6.00
C LYS A 357 8.38 -37.56 6.70
N SER A 358 9.15 -36.61 6.17
CA SER A 358 10.50 -36.36 6.67
C SER A 358 10.51 -35.45 7.91
N ARG A 359 11.65 -35.42 8.60
CA ARG A 359 11.85 -34.53 9.73
C ARG A 359 12.09 -33.12 9.22
N TRP A 360 12.59 -33.03 7.99
CA TRP A 360 12.81 -31.73 7.34
C TRP A 360 11.48 -31.01 7.15
N TYR A 361 10.49 -31.75 6.67
CA TYR A 361 9.15 -31.19 6.45
C TYR A 361 8.53 -30.78 7.78
N ASN A 362 8.65 -31.65 8.77
CA ASN A 362 8.09 -31.38 10.09
C ASN A 362 8.66 -30.09 10.71
N GLN A 363 9.88 -29.76 10.33
CA GLN A 363 10.58 -28.62 10.92
C GLN A 363 10.21 -27.30 10.23
N THR A 364 10.23 -27.30 8.90
CA THR A 364 9.85 -26.11 8.13
C THR A 364 8.81 -26.47 7.06
N PRO A 365 7.55 -26.65 7.49
CA PRO A 365 6.45 -27.11 6.62
C PRO A 365 6.17 -26.17 5.44
N ASN A 366 6.23 -24.87 5.67
CA ASN A 366 5.95 -23.90 4.62
C ASN A 366 6.98 -23.92 3.49
N ARG A 367 8.26 -23.88 3.86
CA ARG A 367 9.32 -23.93 2.88
C ARG A 367 9.34 -25.26 2.15
N ALA A 368 9.27 -26.34 2.92
CA ALA A 368 9.29 -27.70 2.36
C ALA A 368 8.10 -27.94 1.44
N LYS A 369 6.93 -27.44 1.83
CA LYS A 369 5.71 -27.62 1.04
C LYS A 369 5.85 -26.97 -0.34
N ARG A 370 6.56 -25.85 -0.39
CA ARG A 370 6.81 -25.16 -1.66
C ARG A 370 7.81 -25.94 -2.51
N VAL A 371 8.88 -26.40 -1.88
CA VAL A 371 9.90 -27.19 -2.57
C VAL A 371 9.30 -28.46 -3.16
N ILE A 372 8.45 -29.13 -2.38
CA ILE A 372 7.82 -30.37 -2.82
C ILE A 372 6.89 -30.13 -3.99
N THR A 373 6.12 -29.05 -3.94
CA THR A 373 5.24 -28.67 -5.03
C THR A 373 6.03 -28.46 -6.31
N THR A 374 7.25 -27.97 -6.16
CA THR A 374 8.14 -27.74 -7.30
C THR A 374 8.59 -29.07 -7.91
N PHE A 375 8.81 -30.07 -7.06
CA PHE A 375 9.15 -31.42 -7.54
C PHE A 375 7.95 -32.05 -8.24
N ARG A 376 6.77 -31.87 -7.66
CA ARG A 376 5.53 -32.41 -8.22
C ARG A 376 5.24 -31.89 -9.62
N THR A 377 5.22 -30.57 -9.76
CA THR A 377 4.74 -29.92 -10.97
C THR A 377 5.85 -29.56 -11.95
N GLY A 378 7.01 -29.20 -11.43
CA GLY A 378 8.10 -28.75 -12.27
C GLY A 378 7.90 -27.33 -12.75
N THR A 379 7.10 -26.57 -12.00
CA THR A 379 6.85 -25.17 -12.31
C THR A 379 7.19 -24.29 -11.10
N TRP A 380 7.01 -22.98 -11.24
CA TRP A 380 7.27 -22.04 -10.16
C TRP A 380 5.98 -21.68 -9.43
N ASP A 381 4.93 -22.46 -9.66
CA ASP A 381 3.61 -22.18 -9.11
C ASP A 381 3.63 -21.77 -7.64
N ALA A 382 4.23 -22.60 -6.79
CA ALA A 382 4.24 -22.37 -5.35
C ALA A 382 4.80 -21.01 -4.97
N TYR A 383 5.72 -20.51 -5.79
CA TYR A 383 6.39 -19.24 -5.50
C TYR A 383 5.67 -18.07 -6.15
N ARG A 384 4.95 -18.34 -7.24
CA ARG A 384 4.17 -17.32 -7.91
C ARG A 384 2.90 -17.02 -7.12
N SER A 385 2.41 -18.03 -6.40
CA SER A 385 1.23 -17.88 -5.57
C SER A 385 1.51 -16.94 -4.39
N THR A 386 2.69 -17.08 -3.81
CA THR A 386 3.10 -16.22 -2.69
C THR A 386 3.04 -14.75 -3.07
N LEU A 387 3.55 -14.42 -4.25
CA LEU A 387 3.59 -13.04 -4.71
C LEU A 387 2.21 -12.51 -5.04
N GLN A 388 1.35 -13.36 -5.60
CA GLN A 388 0.03 -12.94 -6.04
C GLN A 388 -0.98 -12.78 -4.90
N LYS A 389 -0.67 -13.37 -3.75
CA LYS A 389 -1.50 -13.19 -2.56
C LYS A 389 -0.95 -12.02 -1.74
N GLU A 390 0.34 -11.79 -1.87
CA GLU A 390 1.03 -10.74 -1.12
C GLU A 390 0.77 -9.38 -1.76
N VAL A 391 -0.19 -9.34 -2.69
CA VAL A 391 -0.46 -8.12 -3.45
C VAL A 391 -1.96 -7.92 -3.69
N HIS A 392 -2.72 -9.01 -3.62
CA HIS A 392 -4.16 -8.98 -3.85
C HIS A 392 -4.87 -7.92 -3.02
N ALA A 393 -4.40 -7.70 -1.80
CA ALA A 393 -4.99 -6.71 -0.90
C ALA A 393 -4.67 -5.29 -1.36
N ALA A 394 -3.49 -5.11 -1.92
CA ALA A 394 -3.05 -3.79 -2.38
C ALA A 394 -3.87 -3.32 -3.59
N LYS A 395 -4.49 -4.27 -4.29
CA LYS A 395 -5.35 -3.91 -5.39
C LYS A 395 -6.63 -3.25 -4.87
N SER A 396 -7.18 -3.81 -3.80
CA SER A 396 -8.36 -3.26 -3.15
C SER A 396 -8.13 -1.80 -2.78
N LEU A 397 -7.00 -1.53 -2.13
CA LEU A 397 -6.66 -0.18 -1.67
C LEU A 397 -6.38 0.76 -2.84
N ALA A 398 -5.80 0.22 -3.92
CA ALA A 398 -5.50 1.04 -5.09
C ALA A 398 -6.78 1.52 -5.76
N ILE A 399 -7.82 0.71 -5.70
CA ILE A 399 -9.12 1.08 -6.23
C ILE A 399 -9.66 2.30 -5.49
N ILE A 400 -9.35 2.39 -4.20
CA ILE A 400 -9.76 3.52 -3.38
C ILE A 400 -9.22 4.84 -3.94
N VAL A 401 -7.96 4.83 -4.35
CA VAL A 401 -7.33 6.03 -4.88
C VAL A 401 -7.89 6.41 -6.25
N GLY A 402 -8.17 5.41 -7.07
CA GLY A 402 -8.72 5.63 -8.39
C GLY A 402 -10.07 6.32 -8.33
N LEU A 403 -10.88 5.97 -7.34
CA LEU A 403 -12.19 6.56 -7.17
C LEU A 403 -12.10 7.99 -6.64
N PHE A 404 -11.18 8.21 -5.71
CA PHE A 404 -10.93 9.56 -5.21
C PHE A 404 -10.60 10.49 -6.37
N ALA A 405 -9.64 10.08 -7.20
CA ALA A 405 -9.23 10.86 -8.36
C ALA A 405 -10.40 11.15 -9.28
N LEU A 406 -11.20 10.12 -9.53
CA LEU A 406 -12.36 10.25 -10.41
C LEU A 406 -13.38 11.25 -9.87
N CYS A 407 -13.57 11.25 -8.56
CA CYS A 407 -14.58 12.11 -7.93
C CYS A 407 -14.15 13.56 -7.78
N TRP A 408 -12.85 13.81 -7.80
CA TRP A 408 -12.34 15.16 -7.53
C TRP A 408 -11.75 15.88 -8.74
N LEU A 409 -11.21 15.12 -9.69
CA LEU A 409 -10.59 15.73 -10.87
C LEU A 409 -11.52 16.67 -11.65
N PRO A 410 -12.76 16.24 -11.93
CA PRO A 410 -13.69 17.11 -12.67
C PRO A 410 -13.72 18.53 -12.11
N LEU A 411 -13.89 18.66 -10.80
CA LEU A 411 -13.96 19.98 -10.18
C LEU A 411 -12.64 20.75 -10.36
N HIS A 412 -11.53 20.06 -10.18
CA HIS A 412 -10.21 20.68 -10.35
C HIS A 412 -9.99 21.17 -11.77
N ILE A 413 -10.40 20.36 -12.74
CA ILE A 413 -10.21 20.69 -14.15
C ILE A 413 -11.03 21.91 -14.54
N ILE A 414 -12.27 21.98 -14.06
CA ILE A 414 -13.13 23.12 -14.32
C ILE A 414 -12.52 24.40 -13.76
N ASN A 415 -11.91 24.31 -12.59
CA ASN A 415 -11.21 25.45 -12.00
C ASN A 415 -10.11 25.95 -12.93
N CYS A 416 -9.38 25.01 -13.53
CA CYS A 416 -8.29 25.34 -14.44
C CYS A 416 -8.79 26.11 -15.66
N PHE A 417 -9.92 25.67 -16.21
CA PHE A 417 -10.55 26.37 -17.32
C PHE A 417 -10.86 27.81 -16.97
N THR A 418 -11.67 27.98 -15.93
CA THR A 418 -12.02 29.30 -15.44
C THR A 418 -10.77 30.09 -15.23
N PHE A 419 -9.80 29.52 -14.53
CA PHE A 419 -8.57 30.24 -14.30
C PHE A 419 -7.75 30.68 -15.53
N PHE A 420 -7.50 29.75 -16.45
CA PHE A 420 -6.59 29.95 -17.56
C PHE A 420 -7.29 30.61 -18.76
N CYS A 421 -8.61 30.53 -18.84
CA CYS A 421 -9.33 31.20 -19.93
C CYS A 421 -10.36 32.16 -19.36
N PRO A 422 -9.92 33.34 -18.93
CA PRO A 422 -10.71 34.32 -18.19
C PRO A 422 -11.94 34.80 -18.95
N ASP A 423 -11.79 35.05 -20.24
CA ASP A 423 -12.88 35.63 -21.03
C ASP A 423 -13.69 34.59 -21.82
N CYS A 424 -13.69 33.35 -21.35
CA CYS A 424 -14.55 32.32 -21.91
C CYS A 424 -15.83 32.26 -21.09
N SER A 425 -16.91 31.76 -21.69
CA SER A 425 -18.17 31.62 -20.98
C SER A 425 -18.02 30.60 -19.85
N HIS A 426 -18.27 31.05 -18.63
CA HIS A 426 -18.10 30.19 -17.46
C HIS A 426 -18.97 28.95 -17.55
N ALA A 427 -18.53 27.89 -16.88
CA ALA A 427 -19.30 26.65 -16.82
C ALA A 427 -20.67 26.91 -16.21
N PRO A 428 -21.72 26.37 -16.84
CA PRO A 428 -23.10 26.56 -16.34
C PRO A 428 -23.26 26.06 -14.91
N LEU A 429 -24.22 26.63 -14.20
CA LEU A 429 -24.43 26.29 -12.78
C LEU A 429 -24.73 24.81 -12.58
N TRP A 430 -25.49 24.21 -13.50
CA TRP A 430 -25.86 22.80 -13.38
C TRP A 430 -24.62 21.92 -13.39
N LEU A 431 -23.67 22.24 -14.26
CA LEU A 431 -22.41 21.49 -14.32
C LEU A 431 -21.60 21.72 -13.06
N MET A 432 -21.61 22.94 -12.57
CA MET A 432 -20.83 23.31 -11.40
C MET A 432 -21.26 22.50 -10.18
N TYR A 433 -22.56 22.52 -9.89
CA TYR A 433 -23.08 21.82 -8.72
C TYR A 433 -23.10 20.30 -8.92
N LEU A 434 -22.93 19.88 -10.17
CA LEU A 434 -22.84 18.45 -10.48
C LEU A 434 -21.46 17.93 -10.09
N ALA A 435 -20.45 18.75 -10.31
CA ALA A 435 -19.08 18.40 -9.95
C ALA A 435 -18.91 18.42 -8.44
N ILE A 436 -19.67 19.31 -7.78
CA ILE A 436 -19.63 19.43 -6.33
C ILE A 436 -20.30 18.23 -5.66
N VAL A 437 -21.47 17.83 -6.18
CA VAL A 437 -22.17 16.65 -5.67
C VAL A 437 -21.30 15.41 -5.84
N LEU A 438 -20.65 15.31 -6.99
CA LEU A 438 -19.79 14.17 -7.30
C LEU A 438 -18.65 14.01 -6.28
N SER A 439 -17.99 15.12 -5.96
CA SER A 439 -16.87 15.10 -5.04
C SER A 439 -17.30 14.64 -3.65
N HIS A 440 -18.54 14.96 -3.28
CA HIS A 440 -19.08 14.58 -1.98
C HIS A 440 -19.40 13.09 -1.92
N THR A 441 -19.73 12.51 -3.07
CA THR A 441 -20.07 11.10 -3.15
C THR A 441 -18.87 10.24 -2.79
N ASN A 442 -17.67 10.80 -2.97
CA ASN A 442 -16.43 10.09 -2.66
C ASN A 442 -16.33 9.68 -1.20
N SER A 443 -17.11 10.33 -0.35
CA SER A 443 -17.09 10.04 1.08
C SER A 443 -18.06 8.92 1.45
N VAL A 444 -18.65 8.30 0.43
CA VAL A 444 -19.62 7.23 0.65
C VAL A 444 -19.14 5.89 0.14
N VAL A 445 -18.29 5.91 -0.88
CA VAL A 445 -17.90 4.71 -1.62
C VAL A 445 -16.99 3.74 -0.88
N ASN A 446 -16.10 4.27 -0.04
CA ASN A 446 -15.09 3.44 0.63
C ASN A 446 -15.63 2.23 1.39
N PRO A 447 -16.61 2.44 2.28
CA PRO A 447 -17.15 1.31 3.05
C PRO A 447 -17.66 0.19 2.15
N PHE A 448 -18.28 0.55 1.04
CA PHE A 448 -18.81 -0.44 0.10
C PHE A 448 -17.68 -1.29 -0.50
N ILE A 449 -16.55 -0.63 -0.75
CA ILE A 449 -15.39 -1.32 -1.33
C ILE A 449 -14.79 -2.32 -0.36
N TYR A 450 -14.65 -1.93 0.91
CA TYR A 450 -14.14 -2.83 1.93
C TYR A 450 -15.02 -4.07 2.03
N ALA A 451 -16.33 -3.88 1.91
CA ALA A 451 -17.28 -4.97 2.01
C ALA A 451 -17.12 -5.97 0.87
N TYR A 452 -17.00 -5.45 -0.34
CA TYR A 452 -16.90 -6.29 -1.54
C TYR A 452 -15.57 -7.03 -1.66
N ARG A 453 -14.47 -6.35 -1.38
CA ARG A 453 -13.15 -6.89 -1.69
C ARG A 453 -12.36 -7.39 -0.48
N ILE A 454 -12.68 -6.88 0.70
CA ILE A 454 -11.95 -7.30 1.90
C ILE A 454 -12.82 -8.17 2.80
N ARG A 455 -12.40 -9.43 2.95
CA ARG A 455 -13.17 -10.45 3.65
C ARG A 455 -13.38 -10.15 5.14
N GLU A 456 -12.32 -9.79 5.84
CA GLU A 456 -12.39 -9.57 7.28
C GLU A 456 -13.25 -8.36 7.65
N PHE A 457 -13.41 -7.42 6.72
CA PHE A 457 -14.32 -6.30 6.92
C PHE A 457 -15.75 -6.76 6.71
N ARG A 458 -15.99 -7.43 5.60
CA ARG A 458 -17.31 -7.94 5.25
C ARG A 458 -17.92 -8.78 6.37
N GLN A 459 -17.11 -9.69 6.92
CA GLN A 459 -17.58 -10.56 8.00
C GLN A 459 -17.89 -9.79 9.27
N THR A 460 -17.10 -8.77 9.56
CA THR A 460 -17.32 -7.96 10.75
C THR A 460 -18.56 -7.07 10.59
N PHE A 461 -18.79 -6.60 9.37
CA PHE A 461 -19.97 -5.80 9.08
C PHE A 461 -21.25 -6.61 9.31
N ARG A 462 -21.30 -7.80 8.70
CA ARG A 462 -22.43 -8.70 8.91
C ARG A 462 -22.72 -8.92 10.38
N LYS A 463 -21.66 -9.14 11.16
CA LYS A 463 -21.78 -9.38 12.59
C LYS A 463 -22.38 -8.17 13.30
N ILE A 464 -21.91 -6.98 12.92
CA ILE A 464 -22.37 -5.75 13.56
C ILE A 464 -23.82 -5.43 13.22
N ILE A 465 -24.16 -5.54 11.94
CA ILE A 465 -25.50 -5.24 11.48
C ILE A 465 -26.53 -6.21 12.06
N ARG A 466 -26.20 -7.49 12.09
CA ARG A 466 -27.13 -8.50 12.58
C ARG A 466 -27.24 -8.53 14.10
N SER A 467 -26.13 -8.36 14.79
CA SER A 467 -26.12 -8.44 16.25
C SER A 467 -26.48 -7.12 16.94
N HIS A 468 -25.75 -6.06 16.63
CA HIS A 468 -25.90 -4.80 17.36
C HIS A 468 -26.94 -3.86 16.74
N VAL A 469 -27.13 -3.94 15.43
CA VAL A 469 -28.04 -3.03 14.75
C VAL A 469 -29.48 -3.53 14.73
N LEU A 470 -29.69 -4.75 14.23
CA LEU A 470 -30.98 -5.37 14.29
C LEU A 470 -31.21 -5.90 15.68
N ARG A 471 -30.12 -6.08 16.41
CA ARG A 471 -30.21 -6.67 17.74
C ARG A 471 -30.70 -8.09 17.68
N GLN A 472 -30.39 -8.74 16.56
CA GLN A 472 -30.70 -10.15 16.34
C GLN A 472 -31.35 -10.39 14.97
C1 ZMA B . -20.50 29.93 -8.04
C2 ZMA B . -20.72 30.93 -8.98
C3 ZMA B . -20.59 30.66 -10.34
O4 ZMA B . -20.81 31.64 -11.25
C5 ZMA B . -20.24 29.38 -10.76
C6 ZMA B . -20.01 28.38 -9.83
C7 ZMA B . -20.14 28.64 -8.47
C8 ZMA B . -19.89 27.54 -7.44
C9 ZMA B . -19.05 28.10 -6.30
N10 ZMA B . -18.70 27.04 -5.34
C11 ZMA B . -17.55 26.42 -5.57
N12 ZMA B . -17.11 25.45 -4.76
N13 ZMA B . -16.85 26.83 -6.64
C14 ZMA B . -15.68 26.27 -6.95
N15 ZMA B . -14.99 26.68 -8.02
N16 ZMA B . -15.17 25.25 -6.13
N17 ZMA B . -14.15 24.58 -6.18
C18 ZMA B . -15.92 24.86 -5.02
N19 ZMA B . -15.24 23.89 -4.42
C20 ZMA B . -14.13 23.73 -5.14
C21 ZMA B . -13.11 22.81 -4.89
C22 ZMA B . -13.00 21.94 -3.89
C23 ZMA B . -11.87 21.27 -4.05
C24 ZMA B . -11.25 21.70 -5.15
O25 ZMA B . -12.03 22.69 -5.70
C1 STE C . -10.62 3.92 17.03
O1 STE C . -11.69 3.31 16.97
O2 STE C . -9.56 3.48 17.49
C2 STE C . -10.55 5.33 16.45
C3 STE C . -11.92 5.96 16.28
C4 STE C . -11.80 7.44 15.91
C5 STE C . -12.92 7.86 14.98
C6 STE C . -13.34 9.26 15.33
C7 STE C . -14.31 9.81 14.31
C8 STE C . -14.26 11.32 14.31
C9 STE C . -15.50 11.93 13.65
C10 STE C . -15.68 13.39 14.02
C11 STE C . -16.68 14.04 13.09
C12 STE C . -17.57 15.04 13.80
C13 STE C . -17.17 16.47 13.46
C14 STE C . -18.35 17.41 13.63
C15 STE C . -18.89 17.47 15.07
C16 STE C . -20.00 18.48 15.23
C17 STE C . -19.85 19.24 16.53
C18 STE C . -19.34 20.65 16.31
C1 STE D . -6.01 6.18 14.81
O1 STE D . -6.11 4.96 15.03
O2 STE D . -5.01 6.85 15.01
C2 STE D . -7.20 6.92 14.27
C3 STE D . -6.97 8.42 14.37
C4 STE D . -8.27 9.20 14.41
C5 STE D . -8.05 10.62 13.96
C6 STE D . -9.36 11.37 13.89
C7 STE D . -9.10 12.84 13.78
C8 STE D . -10.34 13.59 13.36
C9 STE D . -10.07 15.08 13.49
C10 STE D . -8.69 15.26 14.08
C11 STE D . -8.39 16.71 14.42
C12 STE D . -7.08 16.76 15.15
C13 STE D . -6.53 15.35 15.17
C14 STE D . -5.37 15.20 16.14
C15 STE D . -5.48 13.86 16.87
C16 STE D . -4.57 12.80 16.26
C17 STE D . -4.61 11.56 17.13
C18 STE D . -3.60 10.52 16.68
C1 STE E . -26.21 34.54 10.91
O1 STE E . -26.87 33.83 11.66
O2 STE E . -26.27 35.77 10.90
C2 STE E . -25.27 33.85 9.96
C3 STE E . -25.27 32.34 10.18
C4 STE E . -24.17 31.63 9.39
C5 STE E . -24.44 30.14 9.23
C6 STE E . -23.19 29.32 9.50
C7 STE E . -23.27 27.98 8.79
C8 STE E . -24.10 26.99 9.58
C9 STE E . -23.51 25.58 9.58
C10 STE E . -24.45 24.56 10.17
C11 STE E . -23.76 23.54 11.08
C12 STE E . -24.45 22.19 10.96
C13 STE E . -24.21 21.27 12.15
C14 STE E . -24.27 19.81 11.69
C15 STE E . -25.40 19.02 12.32
C16 STE E . -25.52 17.61 11.72
C17 STE E . -26.43 17.60 10.50
C18 STE E . -26.66 16.20 9.91
C1 STE F . -20.73 33.68 10.20
O1 STE F . -21.87 33.79 10.65
O2 STE F . -19.76 34.41 10.43
C2 STE F . -20.48 32.52 9.27
C3 STE F . -19.39 31.62 9.83
C4 STE F . -19.78 31.04 11.16
C5 STE F . -18.56 30.51 11.85
C6 STE F . -18.41 29.03 11.58
C7 STE F . -19.57 28.27 12.17
C8 STE F . -19.13 26.93 12.71
C9 STE F . -20.34 26.00 12.80
C10 STE F . -20.08 24.91 13.80
C11 STE F . -18.61 24.84 14.15
C12 STE F . -18.29 23.47 14.71
C13 STE F . -16.80 23.30 14.93
C14 STE F . -16.09 22.97 13.63
C15 STE F . -14.64 22.59 13.89
C16 STE F . -14.42 21.10 13.70
C17 STE F . -14.51 20.36 15.02
C18 STE F . -14.23 18.87 14.80
C1 STE G . -22.89 -5.68 4.26
O1 STE G . -24.00 -6.23 4.18
O2 STE G . -21.92 -6.09 4.91
C2 STE G . -22.68 -4.42 3.45
C3 STE G . -22.23 -3.22 4.27
C4 STE G . -22.72 -1.94 3.58
C5 STE G . -21.61 -0.99 3.25
C6 STE G . -21.90 0.37 3.84
C7 STE G . -23.40 0.65 3.92
C8 STE G . -23.67 1.82 4.86
C9 STE G . -25.14 2.19 4.93
C10 STE G . -25.98 1.05 5.49
C11 STE G . -26.32 1.25 6.96
C12 STE G . -25.86 0.09 7.84
C13 STE G . -26.11 0.38 9.32
C14 STE G . -24.92 1.04 10.00
C15 STE G . -25.19 1.23 11.47
C16 STE G . -24.37 2.37 12.06
C17 STE G . -24.92 2.87 13.39
C18 STE G . -26.45 3.02 13.39
S SO4 H . 6.57 -21.68 -14.80
O1 SO4 H . 7.54 -22.78 -14.83
O2 SO4 H . 5.62 -21.83 -15.90
O3 SO4 H . 5.85 -21.70 -13.53
O4 SO4 H . 7.28 -20.41 -14.95
S SO4 I . -17.78 -14.79 3.01
O1 SO4 I . -16.90 -14.89 4.16
O2 SO4 I . -18.70 -15.92 2.99
O3 SO4 I . -18.56 -13.55 3.10
O4 SO4 I . -17.01 -14.78 1.78
S SO4 J . 11.96 -5.20 -7.24
O1 SO4 J . 13.08 -4.91 -6.35
O2 SO4 J . 11.97 -6.62 -7.59
O3 SO4 J . 10.71 -4.88 -6.57
O4 SO4 J . 12.08 -4.41 -8.45
S SO4 K . -13.18 40.09 9.46
O1 SO4 K . -12.43 40.56 10.63
O2 SO4 K . -13.77 38.79 9.74
O3 SO4 K . -14.24 41.05 9.15
O4 SO4 K . -12.28 39.99 8.32
S SO4 L . 8.66 -22.31 7.62
O1 SO4 L . 9.23 -22.42 8.96
O2 SO4 L . 8.05 -23.57 7.26
O3 SO4 L . 7.65 -21.25 7.60
O4 SO4 L . 9.73 -21.98 6.67
S SO4 M . 13.89 -41.43 2.62
O1 SO4 M . 13.83 -40.15 1.94
O2 SO4 M . 14.14 -41.22 4.04
O3 SO4 M . 12.60 -42.12 2.46
O4 SO4 M . 14.95 -42.25 2.05
S SO4 N . 34.24 -25.90 -4.18
O1 SO4 N . 34.83 -26.18 -2.87
O2 SO4 N . 32.82 -26.27 -4.17
O3 SO4 N . 34.37 -24.47 -4.47
O4 SO4 N . 34.94 -26.67 -5.20
#